data_4INQ
#
_entry.id   4INQ
#
_cell.length_a   39.889
_cell.length_b   88.992
_cell.length_c   95.665
_cell.angle_alpha   90.00
_cell.angle_beta   90.00
_cell.angle_gamma   90.00
#
_symmetry.space_group_name_H-M   'P 21 21 21'
#
loop_
_entity.id
_entity.type
_entity.pdbx_description
1 polymer 'Oxysterol-binding protein homolog 3'
2 non-polymer '(2R)-3-{[(S)-hydroxy{[(1R,2R,3R,4R,5S,6R)-2,3,5,6-tetrahydroxy-4-(phosphonooxy)cyclohexyl]oxy}phosphoryl]oxy}propane-1,2-diyl dioctanoate'
3 water water
#
_entity_poly.entity_id   1
_entity_poly.type   'polypeptide(L)'
_entity_poly.pdbx_seq_one_letter_code
;GAMDPSAQSSTETFTSKDLFALSYPKSVTRRNDIPEAAASPPSLLSFLRKNVGKDLSSIAMPVTSNEPISILQLISETFE
YAPLLTKATQRPDPITFVSAFAISFLSIYRDKTRTLRKPFNPLLAETFELIREDMGFRLISEKVSHRPPVFAFFAEHLDW
ECSYTVTPSQKFWGKSIELNNEGILRLKFKTTGELFEWTQPTTILKNLIAGERYMEPVNEFEVHSSKGDKSHILFDKAGM
FSGRSEGFKVSIIPPPSSNRKKETLAGKWTQSLANETTHETIWEVGDLVSNPKKKYGFTKFTANLNEITEIEKGNLPPTD
SRLRPDIRAYEEGNVDKAEEWKLKLEQLQRERRNKGQDVEPKYFEKVSKNEWKYITGPKSYWERRKKHDWSDISQLW
;
_entity_poly.pdbx_strand_id   A
#
# COMPACT_ATOMS: atom_id res chain seq x y z
N LYS A 26 -5.55 -22.22 -12.72
CA LYS A 26 -5.05 -22.83 -11.46
C LYS A 26 -5.34 -21.94 -10.25
N SER A 27 -5.04 -22.45 -9.06
CA SER A 27 -5.25 -21.71 -7.82
C SER A 27 -4.23 -22.18 -6.79
N VAL A 28 -4.16 -21.47 -5.67
CA VAL A 28 -3.22 -21.82 -4.60
C VAL A 28 -3.87 -21.67 -3.24
N THR A 29 -3.31 -22.35 -2.25
CA THR A 29 -3.81 -22.27 -0.89
C THR A 29 -2.96 -21.24 -0.15
N ARG A 30 -3.58 -20.49 0.76
CA ARG A 30 -2.88 -19.46 1.51
C ARG A 30 -3.10 -19.63 2.99
N ARG A 31 -2.15 -19.15 3.79
CA ARG A 31 -2.24 -19.27 5.23
C ARG A 31 -3.38 -18.48 5.84
N ASN A 32 -3.65 -17.28 5.33
CA ASN A 32 -4.73 -16.46 5.85
C ASN A 32 -4.53 -16.23 7.33
N ASP A 33 -3.29 -16.31 7.77
CA ASP A 33 -2.98 -16.14 9.19
C ASP A 33 -1.47 -15.93 9.29
N ILE A 34 -1.02 -15.46 10.46
CA ILE A 34 0.39 -15.22 10.75
C ILE A 34 0.54 -15.46 12.24
N PRO A 35 1.77 -15.71 12.71
CA PRO A 35 1.95 -15.93 14.14
C PRO A 35 1.59 -14.64 14.88
N GLU A 36 1.34 -14.75 16.19
CA GLU A 36 0.98 -13.57 16.96
C GLU A 36 2.23 -12.71 17.15
N ALA A 37 2.02 -11.43 17.46
CA ALA A 37 3.12 -10.49 17.66
C ALA A 37 4.05 -11.03 18.75
N ALA A 38 5.35 -10.83 18.57
CA ALA A 38 6.34 -11.31 19.53
C ALA A 38 6.73 -10.30 20.61
N ALA A 39 6.48 -9.02 20.34
CA ALA A 39 6.81 -7.98 21.31
C ALA A 39 5.68 -6.95 21.35
N SER A 40 5.66 -6.13 22.40
CA SER A 40 4.63 -5.12 22.50
C SER A 40 5.09 -3.93 21.66
N PRO A 41 4.17 -3.04 21.29
CA PRO A 41 4.44 -1.85 20.47
C PRO A 41 5.12 -0.68 21.19
N PRO A 42 6.27 -0.22 20.67
CA PRO A 42 6.96 0.91 21.29
C PRO A 42 6.25 2.22 20.96
N SER A 43 6.53 3.25 21.75
CA SER A 43 5.91 4.55 21.53
C SER A 43 6.54 5.32 20.39
N LEU A 44 5.70 5.93 19.57
CA LEU A 44 6.16 6.72 18.43
C LEU A 44 6.55 8.13 18.90
N LEU A 45 5.69 8.73 19.72
CA LEU A 45 5.96 10.08 20.23
C LEU A 45 7.29 10.11 20.99
N SER A 46 7.75 8.95 21.45
CA SER A 46 9.01 8.88 22.17
C SER A 46 10.11 9.31 21.22
N PHE A 47 10.15 8.66 20.06
CA PHE A 47 11.14 8.95 19.03
C PHE A 47 11.02 10.39 18.53
N LEU A 48 9.79 10.86 18.32
CA LEU A 48 9.58 12.22 17.84
C LEU A 48 10.32 13.27 18.67
N ARG A 49 9.86 13.49 19.90
CA ARG A 49 10.48 14.49 20.77
C ARG A 49 11.94 14.18 21.07
N LYS A 50 12.24 12.92 21.36
CA LYS A 50 13.62 12.51 21.65
C LYS A 50 14.52 12.72 20.45
N ASN A 51 13.92 12.76 19.26
CA ASN A 51 14.70 12.91 18.04
C ASN A 51 14.32 14.16 17.24
N VAL A 52 13.88 15.20 17.92
CA VAL A 52 13.53 16.44 17.24
C VAL A 52 14.82 17.02 16.69
N GLY A 53 15.57 17.70 17.57
CA GLY A 53 16.82 18.32 17.18
C GLY A 53 16.71 18.86 15.77
N LYS A 54 17.49 18.29 14.85
CA LYS A 54 17.42 18.69 13.46
C LYS A 54 16.04 18.15 13.06
N ASP A 55 15.99 16.96 12.46
CA ASP A 55 14.70 16.35 12.12
C ASP A 55 14.73 15.04 11.34
N LEU A 56 14.19 14.02 12.01
CA LEU A 56 14.05 12.65 11.56
C LEU A 56 14.42 12.25 10.13
N SER A 57 13.64 11.30 9.61
CA SER A 57 13.81 10.73 8.27
C SER A 57 14.88 9.65 8.27
N SER A 58 16.11 10.04 7.98
CA SER A 58 17.22 9.11 7.93
C SER A 58 17.69 8.74 9.34
N ILE A 59 16.72 8.53 10.24
CA ILE A 59 17.00 8.15 11.62
C ILE A 59 16.39 6.77 11.85
N ALA A 60 17.24 5.79 12.18
CA ALA A 60 16.79 4.43 12.40
C ALA A 60 15.85 4.25 13.59
N MET A 61 15.08 3.17 13.55
CA MET A 61 14.13 2.83 14.61
C MET A 61 14.27 1.34 14.88
N PRO A 62 13.96 0.88 16.10
CA PRO A 62 14.10 -0.55 16.39
C PRO A 62 13.12 -1.42 15.58
N VAL A 63 13.54 -2.64 15.28
CA VAL A 63 12.71 -3.56 14.53
C VAL A 63 11.32 -3.73 15.15
N THR A 64 11.25 -3.65 16.48
CA THR A 64 9.98 -3.82 17.20
C THR A 64 8.95 -2.73 16.86
N SER A 65 9.36 -1.72 16.11
CA SER A 65 8.45 -0.67 15.72
C SER A 65 7.77 -1.07 14.41
N ASN A 66 8.16 -2.23 13.89
CA ASN A 66 7.63 -2.73 12.63
C ASN A 66 6.59 -3.84 12.75
N GLU A 67 5.89 -4.06 11.63
CA GLU A 67 4.91 -5.14 11.48
C GLU A 67 5.62 -6.01 10.44
N PRO A 68 5.35 -7.34 10.43
CA PRO A 68 5.99 -8.25 9.48
C PRO A 68 5.77 -8.16 7.96
N ILE A 69 5.89 -6.96 7.40
CA ILE A 69 5.80 -6.75 5.94
C ILE A 69 6.53 -5.45 5.60
N SER A 70 6.96 -5.32 4.35
CA SER A 70 7.67 -4.11 3.92
C SER A 70 6.64 -3.09 3.41
N ILE A 71 7.10 -1.88 3.11
CA ILE A 71 6.22 -0.83 2.60
C ILE A 71 5.68 -1.21 1.22
N LEU A 72 6.49 -1.92 0.44
CA LEU A 72 6.07 -2.35 -0.88
C LEU A 72 4.83 -3.22 -0.77
N GLN A 73 4.81 -4.08 0.26
CA GLN A 73 3.70 -4.98 0.52
C GLN A 73 2.48 -4.22 1.07
N LEU A 74 2.73 -3.23 1.91
CA LEU A 74 1.65 -2.41 2.46
C LEU A 74 0.89 -1.70 1.32
N ILE A 75 1.64 -1.03 0.47
CA ILE A 75 1.00 -0.31 -0.63
C ILE A 75 0.27 -1.31 -1.54
N SER A 76 0.73 -2.56 -1.58
CA SER A 76 0.07 -3.58 -2.41
C SER A 76 -1.34 -3.83 -1.92
N GLU A 77 -1.58 -3.54 -0.63
CA GLU A 77 -2.93 -3.75 -0.06
C GLU A 77 -3.91 -2.78 -0.68
N THR A 78 -3.38 -1.83 -1.46
CA THR A 78 -4.21 -0.88 -2.18
C THR A 78 -5.07 -1.70 -3.14
N PHE A 79 -4.60 -2.90 -3.47
CA PHE A 79 -5.32 -3.78 -4.40
C PHE A 79 -6.04 -4.95 -3.79
N GLU A 80 -6.31 -4.88 -2.50
CA GLU A 80 -7.02 -5.95 -1.83
C GLU A 80 -8.38 -6.16 -2.50
N TYR A 81 -9.02 -5.06 -2.88
CA TYR A 81 -10.34 -5.12 -3.51
C TYR A 81 -10.32 -4.83 -5.01
N ALA A 82 -9.33 -5.36 -5.71
CA ALA A 82 -9.21 -5.14 -7.14
C ALA A 82 -10.46 -5.52 -7.92
N PRO A 83 -11.22 -6.55 -7.49
CA PRO A 83 -12.42 -6.89 -8.27
C PRO A 83 -13.32 -5.69 -8.52
N LEU A 84 -13.20 -4.66 -7.71
CA LEU A 84 -14.02 -3.46 -7.89
C LEU A 84 -13.72 -2.80 -9.23
N LEU A 85 -12.45 -2.81 -9.61
CA LEU A 85 -12.01 -2.21 -10.88
C LEU A 85 -12.51 -3.06 -12.03
N THR A 86 -12.52 -4.36 -11.84
CA THR A 86 -12.98 -5.29 -12.87
C THR A 86 -14.47 -5.07 -13.11
N LYS A 87 -15.20 -4.86 -12.02
CA LYS A 87 -16.64 -4.64 -12.10
C LYS A 87 -16.88 -3.28 -12.76
N ALA A 88 -16.01 -2.32 -12.48
CA ALA A 88 -16.13 -0.99 -13.02
C ALA A 88 -16.08 -1.01 -14.56
N THR A 89 -15.22 -1.86 -15.11
CA THR A 89 -15.10 -1.94 -16.57
C THR A 89 -16.35 -2.52 -17.21
N GLN A 90 -17.27 -3.00 -16.38
CA GLN A 90 -18.49 -3.62 -16.89
C GLN A 90 -19.76 -2.87 -16.52
N ARG A 91 -19.60 -1.63 -16.06
CA ARG A 91 -20.75 -0.81 -15.68
C ARG A 91 -20.77 0.51 -16.44
N PRO A 92 -21.96 0.97 -16.85
CA PRO A 92 -22.08 2.23 -17.59
C PRO A 92 -21.54 3.43 -16.82
N ASP A 93 -21.38 3.28 -15.52
CA ASP A 93 -20.87 4.36 -14.66
C ASP A 93 -19.66 3.89 -13.84
N PRO A 94 -18.58 3.51 -14.52
CA PRO A 94 -17.33 3.02 -13.90
C PRO A 94 -16.70 3.86 -12.78
N ILE A 95 -16.78 5.18 -12.88
CA ILE A 95 -16.17 6.03 -11.86
C ILE A 95 -16.67 5.78 -10.45
N THR A 96 -17.93 5.37 -10.31
CA THR A 96 -18.47 5.13 -8.97
C THR A 96 -17.77 3.95 -8.33
N PHE A 97 -17.34 2.98 -9.14
CA PHE A 97 -16.65 1.81 -8.62
C PHE A 97 -15.17 2.07 -8.42
N VAL A 98 -14.61 2.93 -9.27
CA VAL A 98 -13.20 3.30 -9.15
C VAL A 98 -13.09 4.06 -7.84
N SER A 99 -14.12 4.83 -7.53
CA SER A 99 -14.19 5.63 -6.31
C SER A 99 -14.31 4.74 -5.07
N ALA A 100 -14.96 3.60 -5.22
CA ALA A 100 -15.10 2.67 -4.10
C ALA A 100 -13.71 2.09 -3.85
N PHE A 101 -13.05 1.66 -4.93
CA PHE A 101 -11.71 1.09 -4.88
C PHE A 101 -10.71 2.09 -4.29
N ALA A 102 -10.79 3.33 -4.78
CA ALA A 102 -9.91 4.39 -4.32
C ALA A 102 -9.98 4.59 -2.81
N ILE A 103 -11.18 4.48 -2.26
CA ILE A 103 -11.35 4.66 -0.81
C ILE A 103 -11.15 3.37 -0.02
N SER A 104 -11.36 2.23 -0.68
CA SER A 104 -11.26 0.94 0.01
C SER A 104 -9.99 0.67 0.81
N PHE A 105 -8.84 1.11 0.29
CA PHE A 105 -7.57 0.85 0.96
C PHE A 105 -7.49 1.27 2.42
N LEU A 106 -8.31 2.25 2.80
CA LEU A 106 -8.29 2.75 4.19
C LEU A 106 -8.74 1.69 5.20
N SER A 107 -9.59 0.79 4.76
CA SER A 107 -10.12 -0.25 5.64
C SER A 107 -9.09 -1.08 6.40
N ILE A 108 -7.84 -1.12 5.93
CA ILE A 108 -6.84 -1.90 6.66
C ILE A 108 -6.54 -1.28 8.02
N TYR A 109 -7.00 -0.04 8.22
CA TYR A 109 -6.76 0.65 9.47
C TYR A 109 -8.00 0.65 10.36
N ARG A 110 -8.94 -0.26 10.08
CA ARG A 110 -10.17 -0.32 10.87
C ARG A 110 -9.97 -0.86 12.27
N ASP A 111 -9.01 -1.78 12.42
CA ASP A 111 -8.68 -2.33 13.72
C ASP A 111 -7.50 -1.44 14.11
N LYS A 112 -7.70 -0.63 15.16
CA LYS A 112 -6.68 0.31 15.62
C LYS A 112 -5.29 -0.26 15.85
N THR A 113 -5.21 -1.58 16.06
CA THR A 113 -3.92 -2.21 16.29
C THR A 113 -2.98 -1.98 15.09
N ARG A 114 -3.55 -1.94 13.89
CA ARG A 114 -2.75 -1.75 12.68
C ARG A 114 -2.00 -0.41 12.68
N THR A 115 -2.47 0.55 13.47
CA THR A 115 -1.82 1.85 13.49
C THR A 115 -0.68 1.99 14.51
N LEU A 116 -0.41 0.92 15.25
CA LEU A 116 0.64 0.93 16.27
C LEU A 116 2.04 0.63 15.76
N ARG A 117 2.14 0.07 14.57
CA ARG A 117 3.44 -0.27 13.99
C ARG A 117 3.51 0.08 12.51
N LYS A 118 4.73 0.07 11.97
CA LYS A 118 4.93 0.43 10.56
C LYS A 118 5.59 -0.71 9.78
N PRO A 119 5.54 -0.66 8.44
CA PRO A 119 6.15 -1.71 7.64
C PRO A 119 7.67 -1.56 7.69
N PHE A 120 8.39 -2.60 7.28
CA PHE A 120 9.84 -2.48 7.25
C PHE A 120 10.13 -1.56 6.06
N ASN A 121 11.20 -0.78 6.17
CA ASN A 121 11.58 0.08 5.08
C ASN A 121 12.32 -0.80 4.08
N PRO A 122 11.87 -0.81 2.81
CA PRO A 122 12.53 -1.64 1.80
C PRO A 122 13.90 -1.08 1.47
N LEU A 123 14.79 -1.96 1.03
CA LEU A 123 16.13 -1.55 0.64
C LEU A 123 16.03 -1.06 -0.79
N LEU A 124 17.01 -0.30 -1.25
CA LEU A 124 17.00 0.18 -2.62
C LEU A 124 17.07 -1.03 -3.54
N ALA A 125 16.19 -1.08 -4.54
CA ALA A 125 16.15 -2.18 -5.49
C ALA A 125 15.46 -3.42 -4.94
N GLU A 126 14.90 -3.32 -3.74
CA GLU A 126 14.15 -4.44 -3.18
C GLU A 126 12.86 -4.47 -4.01
N THR A 127 12.30 -5.67 -4.20
CA THR A 127 11.09 -5.80 -5.00
C THR A 127 10.00 -6.60 -4.29
N PHE A 128 8.80 -6.57 -4.87
CA PHE A 128 7.67 -7.34 -4.36
C PHE A 128 6.69 -7.59 -5.49
N GLU A 129 6.47 -8.86 -5.80
CA GLU A 129 5.54 -9.24 -6.84
C GLU A 129 4.32 -9.82 -6.14
N LEU A 130 3.16 -9.67 -6.74
CA LEU A 130 1.94 -10.21 -6.16
C LEU A 130 0.99 -10.68 -7.26
N ILE A 131 0.86 -12.00 -7.38
CA ILE A 131 -0.04 -12.57 -8.38
C ILE A 131 -1.24 -13.19 -7.69
N ARG A 132 -2.42 -12.65 -7.97
CA ARG A 132 -3.66 -13.18 -7.40
C ARG A 132 -4.49 -13.66 -8.58
N GLU A 133 -4.32 -14.94 -8.91
CA GLU A 133 -5.04 -15.55 -10.02
C GLU A 133 -6.53 -15.53 -9.74
N ASP A 134 -6.88 -15.65 -8.45
CA ASP A 134 -8.27 -15.63 -8.03
C ASP A 134 -8.95 -14.33 -8.42
N MET A 135 -8.19 -13.24 -8.44
CA MET A 135 -8.73 -11.93 -8.79
C MET A 135 -8.28 -11.50 -10.19
N GLY A 136 -7.61 -12.42 -10.89
CA GLY A 136 -7.13 -12.14 -12.23
C GLY A 136 -6.09 -11.06 -12.44
N PHE A 137 -5.30 -10.74 -11.41
CA PHE A 137 -4.29 -9.72 -11.58
C PHE A 137 -2.92 -10.10 -11.05
N ARG A 138 -1.92 -9.34 -11.48
CA ARG A 138 -0.54 -9.54 -11.06
C ARG A 138 0.07 -8.17 -10.87
N LEU A 139 0.93 -8.05 -9.88
CA LEU A 139 1.56 -6.78 -9.57
C LEU A 139 3.05 -6.97 -9.36
N ILE A 140 3.83 -5.97 -9.75
CA ILE A 140 5.27 -5.97 -9.59
C ILE A 140 5.59 -4.61 -8.99
N SER A 141 6.49 -4.57 -8.01
CA SER A 141 6.86 -3.31 -7.39
C SER A 141 8.34 -3.30 -7.05
N GLU A 142 8.92 -2.11 -6.93
CA GLU A 142 10.35 -1.99 -6.64
C GLU A 142 10.67 -0.64 -6.04
N LYS A 143 11.63 -0.60 -5.12
CA LYS A 143 12.06 0.66 -4.52
C LYS A 143 13.03 1.27 -5.54
N VAL A 144 12.63 2.35 -6.19
CA VAL A 144 13.46 2.97 -7.20
C VAL A 144 14.35 4.11 -6.68
N SER A 145 14.18 4.46 -5.42
CA SER A 145 15.00 5.50 -4.82
C SER A 145 14.98 5.37 -3.31
N HIS A 146 16.11 5.69 -2.68
CA HIS A 146 16.22 5.61 -1.23
C HIS A 146 16.01 6.96 -0.58
N ARG A 147 16.58 8.01 -1.16
CA ARG A 147 16.46 9.36 -0.63
C ARG A 147 16.19 10.36 -1.75
N PRO A 148 14.94 10.87 -1.83
CA PRO A 148 13.89 10.48 -0.89
C PRO A 148 13.43 9.08 -1.28
N PRO A 149 12.66 8.42 -0.41
CA PRO A 149 12.19 7.07 -0.74
C PRO A 149 11.11 7.11 -1.82
N VAL A 150 11.33 6.40 -2.92
CA VAL A 150 10.37 6.35 -4.01
C VAL A 150 10.06 4.90 -4.39
N PHE A 151 8.78 4.55 -4.37
CA PHE A 151 8.32 3.20 -4.70
C PHE A 151 7.49 3.22 -5.99
N ALA A 152 7.75 2.27 -6.87
CA ALA A 152 7.04 2.19 -8.14
C ALA A 152 6.25 0.90 -8.24
N PHE A 153 4.98 1.01 -8.60
CA PHE A 153 4.07 -0.13 -8.75
C PHE A 153 3.41 -0.21 -10.13
N PHE A 154 3.19 -1.43 -10.60
CA PHE A 154 2.50 -1.67 -11.86
C PHE A 154 1.65 -2.93 -11.73
N ALA A 155 0.34 -2.74 -11.70
CA ALA A 155 -0.59 -3.87 -11.58
C ALA A 155 -1.26 -4.18 -12.91
N GLU A 156 -1.43 -5.46 -13.20
CA GLU A 156 -2.05 -5.86 -14.45
C GLU A 156 -3.16 -6.87 -14.34
N HIS A 157 -4.21 -6.63 -15.12
CA HIS A 157 -5.38 -7.48 -15.21
C HIS A 157 -5.70 -7.49 -16.71
N LEU A 158 -6.49 -8.46 -17.14
CA LEU A 158 -6.89 -8.57 -18.53
C LEU A 158 -7.60 -7.32 -19.01
N ASP A 159 -8.43 -6.74 -18.14
CA ASP A 159 -9.21 -5.56 -18.50
C ASP A 159 -8.76 -4.22 -17.95
N TRP A 160 -7.66 -4.20 -17.23
CA TRP A 160 -7.17 -2.93 -16.69
C TRP A 160 -5.76 -3.07 -16.15
N GLU A 161 -5.12 -1.92 -15.95
CA GLU A 161 -3.78 -1.88 -15.43
C GLU A 161 -3.66 -0.57 -14.68
N CYS A 162 -2.73 -0.52 -13.74
CA CYS A 162 -2.54 0.68 -12.94
C CYS A 162 -1.07 0.83 -12.60
N SER A 163 -0.56 2.05 -12.71
CA SER A 163 0.84 2.34 -12.39
C SER A 163 0.82 3.35 -11.25
N TYR A 164 1.89 3.36 -10.45
CA TYR A 164 1.94 4.25 -9.30
C TYR A 164 3.38 4.53 -8.86
N THR A 165 3.72 5.80 -8.75
CA THR A 165 5.05 6.21 -8.30
C THR A 165 4.74 6.97 -7.01
N VAL A 166 5.03 6.34 -5.88
CA VAL A 166 4.70 6.96 -4.61
C VAL A 166 5.85 7.19 -3.64
N THR A 167 5.71 8.28 -2.90
CA THR A 167 6.68 8.66 -1.89
C THR A 167 5.91 8.95 -0.61
N PRO A 168 5.87 7.98 0.32
CA PRO A 168 5.15 8.19 1.58
C PRO A 168 5.83 9.29 2.38
N SER A 169 5.06 10.26 2.86
CA SER A 169 5.60 11.36 3.64
C SER A 169 4.82 11.54 4.94
N GLN A 170 5.54 11.84 6.01
CA GLN A 170 4.91 12.05 7.32
C GLN A 170 5.36 13.37 7.90
N LYS A 171 4.45 14.05 8.59
CA LYS A 171 4.78 15.33 9.19
C LYS A 171 4.18 15.47 10.58
N PHE A 172 5.04 15.65 11.56
CA PHE A 172 4.59 15.83 12.93
C PHE A 172 3.89 17.17 12.99
N TRP A 173 2.57 17.11 13.20
CA TRP A 173 1.71 18.29 13.25
C TRP A 173 1.66 18.89 14.66
N GLY A 174 2.34 18.26 15.60
CA GLY A 174 2.34 18.76 16.96
C GLY A 174 1.71 17.77 17.92
N LYS A 175 0.45 17.45 17.69
CA LYS A 175 -0.26 16.51 18.54
C LYS A 175 -0.72 15.32 17.71
N SER A 176 -0.31 15.29 16.44
CA SER A 176 -0.67 14.22 15.53
C SER A 176 0.27 14.21 14.33
N ILE A 177 0.17 13.18 13.50
CA ILE A 177 1.03 13.07 12.32
C ILE A 177 0.27 13.00 11.00
N GLU A 178 0.66 13.86 10.06
CA GLU A 178 0.03 13.88 8.75
C GLU A 178 0.66 12.82 7.86
N LEU A 179 -0.14 11.86 7.42
CA LEU A 179 0.35 10.80 6.54
C LEU A 179 -0.18 11.01 5.13
N ASN A 180 0.75 11.10 4.18
CA ASN A 180 0.36 11.29 2.80
C ASN A 180 1.21 10.46 1.87
N ASN A 181 0.57 9.82 0.92
CA ASN A 181 1.29 9.05 -0.08
C ASN A 181 1.36 10.04 -1.24
N GLU A 182 2.55 10.58 -1.48
CA GLU A 182 2.71 11.54 -2.56
C GLU A 182 2.80 10.80 -3.88
N GLY A 183 1.91 11.13 -4.81
CA GLY A 183 1.93 10.47 -6.10
C GLY A 183 0.53 10.21 -6.63
N ILE A 184 0.44 10.07 -7.94
CA ILE A 184 -0.83 9.85 -8.61
C ILE A 184 -0.99 8.38 -8.99
N LEU A 185 -2.15 7.80 -8.67
CA LEU A 185 -2.40 6.44 -9.08
C LEU A 185 -3.02 6.62 -10.45
N ARG A 186 -2.49 5.93 -11.45
CA ARG A 186 -3.01 6.07 -12.79
C ARG A 186 -3.66 4.78 -13.26
N LEU A 187 -4.99 4.76 -13.20
CA LEU A 187 -5.73 3.58 -13.63
C LEU A 187 -6.10 3.70 -15.11
N LYS A 188 -6.05 2.57 -15.81
CA LYS A 188 -6.38 2.53 -17.22
C LYS A 188 -7.20 1.30 -17.55
N PHE A 189 -8.36 1.54 -18.16
CA PHE A 189 -9.26 0.48 -18.60
C PHE A 189 -8.68 -0.08 -19.90
N LYS A 190 -8.28 -1.34 -19.91
CA LYS A 190 -7.72 -1.93 -21.13
C LYS A 190 -8.84 -2.20 -22.10
N THR A 191 -10.08 -2.19 -21.59
CA THR A 191 -11.24 -2.45 -22.42
C THR A 191 -11.49 -1.30 -23.38
N THR A 192 -11.47 -0.07 -22.87
CA THR A 192 -11.72 1.10 -23.69
C THR A 192 -10.61 2.16 -23.65
N GLY A 193 -9.59 1.93 -22.84
CA GLY A 193 -8.50 2.89 -22.75
C GLY A 193 -8.81 4.12 -21.92
N GLU A 194 -9.96 4.15 -21.26
CA GLU A 194 -10.30 5.29 -20.42
C GLU A 194 -9.35 5.36 -19.22
N LEU A 195 -9.03 6.58 -18.79
CA LEU A 195 -8.11 6.77 -17.68
C LEU A 195 -8.73 7.40 -16.44
N PHE A 196 -8.23 6.98 -15.28
CA PHE A 196 -8.69 7.50 -14.01
C PHE A 196 -7.46 7.83 -13.17
N GLU A 197 -7.48 8.98 -12.51
CA GLU A 197 -6.34 9.37 -11.69
C GLU A 197 -6.82 9.92 -10.36
N TRP A 198 -5.98 9.78 -9.35
CA TRP A 198 -6.31 10.28 -8.03
C TRP A 198 -5.11 10.07 -7.13
N THR A 199 -5.07 10.83 -6.04
CA THR A 199 -3.99 10.70 -5.08
C THR A 199 -4.68 10.13 -3.86
N GLN A 200 -4.01 9.23 -3.16
CA GLN A 200 -4.62 8.66 -1.97
C GLN A 200 -4.82 9.79 -0.98
N PRO A 201 -5.93 9.75 -0.22
CA PRO A 201 -6.23 10.78 0.77
C PRO A 201 -5.33 10.80 1.98
N THR A 202 -5.23 11.99 2.57
CA THR A 202 -4.42 12.20 3.76
C THR A 202 -5.08 11.49 4.93
N THR A 203 -4.26 10.94 5.83
CA THR A 203 -4.75 10.27 7.02
C THR A 203 -4.03 10.92 8.18
N ILE A 204 -4.68 10.94 9.33
CA ILE A 204 -4.07 11.53 10.52
C ILE A 204 -3.98 10.51 11.64
N LEU A 205 -2.79 10.36 12.19
CA LEU A 205 -2.55 9.44 13.28
C LEU A 205 -2.76 10.24 14.56
N LYS A 206 -3.92 10.08 15.17
CA LYS A 206 -4.27 10.79 16.39
C LYS A 206 -3.94 10.05 17.68
N ASN A 207 -4.15 10.73 18.80
CA ASN A 207 -3.88 10.19 20.12
C ASN A 207 -2.42 9.81 20.33
N LEU A 208 -1.52 10.64 19.85
CA LEU A 208 -0.10 10.39 20.02
C LEU A 208 0.20 10.57 21.50
N ILE A 209 -0.40 11.62 22.06
CA ILE A 209 -0.23 11.97 23.48
C ILE A 209 -0.74 10.85 24.37
N ALA A 210 -2.03 10.93 24.72
CA ALA A 210 -2.65 9.94 25.57
C ALA A 210 -3.73 9.22 24.79
N GLY A 211 -4.18 8.09 25.32
CA GLY A 211 -5.22 7.31 24.65
C GLY A 211 -4.67 6.30 23.68
N GLU A 212 -5.58 5.49 23.11
CA GLU A 212 -5.20 4.47 22.16
C GLU A 212 -5.05 5.09 20.77
N ARG A 213 -3.88 4.91 20.17
CA ARG A 213 -3.59 5.47 18.85
C ARG A 213 -4.55 4.98 17.77
N TYR A 214 -4.79 5.82 16.77
CA TYR A 214 -5.66 5.46 15.66
C TYR A 214 -5.50 6.43 14.50
N MET A 215 -6.00 6.03 13.33
CA MET A 215 -5.92 6.85 12.14
C MET A 215 -7.29 7.07 11.51
N GLU A 216 -7.48 8.25 10.95
CA GLU A 216 -8.73 8.57 10.30
C GLU A 216 -8.42 9.50 9.14
N PRO A 217 -9.14 9.36 8.03
CA PRO A 217 -8.90 10.22 6.87
C PRO A 217 -9.43 11.63 7.15
N VAL A 218 -8.90 12.63 6.44
CA VAL A 218 -9.34 14.00 6.62
C VAL A 218 -9.49 14.74 5.30
N ASN A 219 -10.22 15.86 5.34
CA ASN A 219 -10.46 16.68 4.16
C ASN A 219 -11.14 15.95 3.02
N GLU A 220 -10.49 15.92 1.86
CA GLU A 220 -11.10 15.27 0.71
C GLU A 220 -10.10 15.07 -0.42
N PHE A 221 -10.52 14.28 -1.40
CA PHE A 221 -9.70 14.04 -2.58
C PHE A 221 -10.66 13.74 -3.70
N GLU A 222 -10.15 13.69 -4.94
CA GLU A 222 -11.02 13.43 -6.06
C GLU A 222 -10.46 12.49 -7.11
N VAL A 223 -11.37 11.81 -7.80
CA VAL A 223 -11.00 10.89 -8.86
C VAL A 223 -11.47 11.55 -10.16
N HIS A 224 -10.53 11.80 -11.07
CA HIS A 224 -10.88 12.44 -12.33
C HIS A 224 -10.74 11.47 -13.49
N SER A 225 -11.70 11.53 -14.41
CA SER A 225 -11.70 10.66 -15.59
C SER A 225 -11.22 11.38 -16.84
N SER A 226 -10.57 10.64 -17.72
CA SER A 226 -10.07 11.20 -18.97
C SER A 226 -11.25 11.66 -19.83
N LYS A 227 -12.45 11.16 -19.52
CA LYS A 227 -13.64 11.53 -20.28
C LYS A 227 -14.40 12.68 -19.62
N GLY A 228 -13.78 13.32 -18.63
CA GLY A 228 -14.41 14.45 -17.98
C GLY A 228 -15.06 14.20 -16.63
N ASP A 229 -15.55 12.98 -16.42
CA ASP A 229 -16.20 12.63 -15.17
C ASP A 229 -15.30 12.91 -13.97
N LYS A 230 -15.89 13.35 -12.86
CA LYS A 230 -15.13 13.64 -11.66
C LYS A 230 -15.88 13.16 -10.40
N SER A 231 -15.13 12.65 -9.44
CA SER A 231 -15.71 12.15 -8.20
C SER A 231 -15.11 12.92 -7.04
N HIS A 232 -15.94 13.38 -6.13
CA HIS A 232 -15.47 14.14 -4.98
C HIS A 232 -15.83 13.43 -3.67
N ILE A 233 -14.80 13.02 -2.93
CA ILE A 233 -14.98 12.31 -1.66
C ILE A 233 -14.66 13.21 -0.48
N LEU A 234 -15.61 13.40 0.43
CA LEU A 234 -15.34 14.20 1.62
C LEU A 234 -15.59 13.43 2.91
N PHE A 235 -14.53 13.30 3.70
CA PHE A 235 -14.59 12.58 4.97
C PHE A 235 -15.20 13.41 6.09
N ASP A 236 -16.04 12.79 6.91
CA ASP A 236 -16.68 13.48 8.02
C ASP A 236 -15.62 13.95 9.01
N LYS A 237 -15.97 14.93 9.83
CA LYS A 237 -15.02 15.45 10.81
C LYS A 237 -15.37 15.09 12.25
N ALA A 238 -14.34 14.85 13.05
CA ALA A 238 -14.49 14.51 14.46
C ALA A 238 -13.30 15.11 15.21
N GLY A 239 -13.49 16.29 15.78
CA GLY A 239 -12.42 16.96 16.49
C GLY A 239 -12.34 16.75 18.00
N MET A 240 -13.43 16.36 18.63
CA MET A 240 -13.41 16.15 20.08
C MET A 240 -14.75 15.65 20.64
N PHE A 241 -15.21 14.50 20.17
CA PHE A 241 -16.48 13.95 20.67
C PHE A 241 -16.80 12.54 20.20
N SER A 242 -17.29 12.42 18.98
CA SER A 242 -17.66 11.13 18.41
C SER A 242 -16.45 10.26 18.06
N GLY A 243 -15.35 10.47 18.77
CA GLY A 243 -14.15 9.68 18.51
C GLY A 243 -13.79 9.61 17.03
N ARG A 244 -13.07 8.57 16.66
CA ARG A 244 -12.62 8.36 15.28
C ARG A 244 -13.67 8.62 14.22
N SER A 245 -13.27 9.32 13.15
CA SER A 245 -14.17 9.61 12.05
C SER A 245 -14.14 8.43 11.10
N GLU A 246 -15.30 7.99 10.62
CA GLU A 246 -15.37 6.83 9.74
C GLU A 246 -16.31 7.00 8.56
N GLY A 247 -17.20 7.98 8.63
CA GLY A 247 -18.14 8.18 7.55
C GLY A 247 -17.58 9.03 6.43
N PHE A 248 -18.28 9.02 5.29
CA PHE A 248 -17.86 9.80 4.13
C PHE A 248 -18.96 9.81 3.07
N LYS A 249 -18.95 10.84 2.23
CA LYS A 249 -19.91 11.00 1.17
C LYS A 249 -19.16 11.12 -0.14
N VAL A 250 -19.74 10.62 -1.22
CA VAL A 250 -19.11 10.67 -2.52
C VAL A 250 -20.08 11.24 -3.54
N SER A 251 -19.73 12.39 -4.13
CA SER A 251 -20.58 13.02 -5.13
C SER A 251 -20.01 12.75 -6.50
N ILE A 252 -20.70 11.93 -7.29
CA ILE A 252 -20.24 11.63 -8.64
C ILE A 252 -20.76 12.80 -9.49
N ILE A 253 -19.94 13.28 -10.42
CA ILE A 253 -20.32 14.41 -11.25
C ILE A 253 -19.90 14.23 -12.70
N PRO A 254 -20.79 13.64 -13.52
CA PRO A 254 -20.49 13.43 -14.93
C PRO A 254 -20.41 14.74 -15.70
N PRO A 255 -19.75 14.73 -16.87
CA PRO A 255 -19.60 15.93 -17.68
C PRO A 255 -20.94 16.32 -18.30
N PRO A 256 -21.47 17.49 -17.92
CA PRO A 256 -22.76 17.91 -18.50
C PRO A 256 -22.60 17.92 -20.01
N SER A 257 -23.13 16.87 -20.65
CA SER A 257 -23.05 16.70 -22.10
C SER A 257 -23.19 15.23 -22.42
N SER A 258 -22.60 14.40 -21.57
CA SER A 258 -22.65 12.96 -21.73
C SER A 258 -23.97 12.41 -21.20
N ASN A 259 -24.34 11.24 -21.70
CA ASN A 259 -25.57 10.57 -21.31
C ASN A 259 -25.54 10.19 -19.83
N ARG A 260 -24.36 10.19 -19.23
CA ARG A 260 -24.21 9.85 -17.82
C ARG A 260 -24.79 10.96 -16.94
N LYS A 261 -25.21 10.61 -15.72
CA LYS A 261 -25.79 11.59 -14.82
C LYS A 261 -25.27 11.49 -13.38
N LYS A 262 -25.53 12.52 -12.59
CA LYS A 262 -25.09 12.58 -11.21
C LYS A 262 -25.58 11.42 -10.34
N GLU A 263 -24.75 11.04 -9.36
CA GLU A 263 -25.06 9.96 -8.43
C GLU A 263 -24.44 10.30 -7.09
N THR A 264 -24.85 9.57 -6.05
CA THR A 264 -24.32 9.82 -4.72
C THR A 264 -24.07 8.51 -3.98
N LEU A 265 -22.98 8.48 -3.22
CA LEU A 265 -22.62 7.30 -2.45
C LEU A 265 -22.33 7.71 -1.02
N ALA A 266 -22.49 6.77 -0.09
CA ALA A 266 -22.25 7.02 1.31
C ALA A 266 -21.77 5.74 1.98
N GLY A 267 -21.16 5.88 3.15
CA GLY A 267 -20.68 4.72 3.87
C GLY A 267 -19.61 5.03 4.89
N LYS A 268 -18.94 3.99 5.35
CA LYS A 268 -17.86 4.11 6.33
C LYS A 268 -16.69 3.31 5.76
N TRP A 269 -15.51 3.92 5.73
CA TRP A 269 -14.32 3.24 5.20
C TRP A 269 -13.92 2.04 6.06
N THR A 270 -14.62 1.88 7.18
CA THR A 270 -14.36 0.79 8.11
C THR A 270 -15.34 -0.37 7.92
N GLN A 271 -16.31 -0.20 7.04
CA GLN A 271 -17.33 -1.24 6.85
C GLN A 271 -17.81 -1.41 5.41
N SER A 272 -18.39 -0.35 4.83
CA SER A 272 -18.88 -0.46 3.46
C SER A 272 -19.29 0.86 2.84
N LEU A 273 -19.61 0.77 1.54
CA LEU A 273 -20.03 1.92 0.74
C LEU A 273 -21.24 1.53 -0.10
N ALA A 274 -22.21 2.42 -0.20
CA ALA A 274 -23.40 2.13 -0.98
C ALA A 274 -23.84 3.33 -1.81
N ASN A 275 -24.67 3.05 -2.81
CA ASN A 275 -25.25 4.07 -3.66
C ASN A 275 -26.32 4.60 -2.71
N GLU A 276 -26.24 5.86 -2.31
CA GLU A 276 -27.23 6.36 -1.36
C GLU A 276 -28.61 6.59 -1.91
N THR A 277 -28.75 6.56 -3.22
CA THR A 277 -30.08 6.74 -3.80
C THR A 277 -30.85 5.43 -3.66
N THR A 278 -30.22 4.32 -4.05
CA THR A 278 -30.87 3.01 -3.99
C THR A 278 -30.46 2.23 -2.74
N HIS A 279 -29.51 2.78 -1.99
CA HIS A 279 -29.02 2.14 -0.78
C HIS A 279 -28.42 0.75 -1.03
N GLU A 280 -27.88 0.55 -2.22
CA GLU A 280 -27.27 -0.74 -2.54
C GLU A 280 -25.79 -0.73 -2.22
N THR A 281 -25.33 -1.81 -1.60
CA THR A 281 -23.93 -1.96 -1.23
C THR A 281 -23.03 -2.14 -2.46
N ILE A 282 -21.98 -1.33 -2.53
CA ILE A 282 -21.03 -1.36 -3.64
C ILE A 282 -19.77 -2.12 -3.23
N TRP A 283 -19.35 -1.91 -1.99
CA TRP A 283 -18.15 -2.55 -1.47
C TRP A 283 -18.30 -2.85 0.03
N GLU A 284 -17.62 -3.91 0.48
CA GLU A 284 -17.66 -4.32 1.88
C GLU A 284 -16.27 -4.80 2.28
N VAL A 285 -15.94 -4.67 3.55
CA VAL A 285 -14.63 -5.12 3.99
C VAL A 285 -14.63 -6.64 4.01
N GLY A 286 -13.45 -7.22 3.88
CA GLY A 286 -13.33 -8.66 3.91
C GLY A 286 -13.12 -9.04 5.38
N ASP A 287 -12.31 -10.06 5.62
CA ASP A 287 -12.05 -10.51 6.99
C ASP A 287 -10.66 -10.16 7.48
N LEU A 288 -10.56 -10.00 8.80
CA LEU A 288 -9.30 -9.73 9.46
C LEU A 288 -8.84 -11.11 9.92
N VAL A 289 -7.59 -11.24 10.33
CA VAL A 289 -7.12 -12.53 10.80
C VAL A 289 -7.81 -12.80 12.13
N SER A 290 -7.78 -14.06 12.56
CA SER A 290 -8.38 -14.43 13.84
C SER A 290 -7.54 -13.80 14.95
N ASN A 291 -8.20 -13.26 15.97
CA ASN A 291 -7.50 -12.62 17.09
C ASN A 291 -6.56 -11.52 16.59
N PRO A 292 -7.09 -10.60 15.76
CA PRO A 292 -6.34 -9.47 15.17
C PRO A 292 -5.53 -8.60 16.13
N LYS A 293 -6.07 -8.35 17.31
CA LYS A 293 -5.38 -7.51 18.28
C LYS A 293 -4.01 -8.07 18.63
N LYS A 294 -3.84 -9.38 18.52
CA LYS A 294 -2.56 -10.02 18.83
C LYS A 294 -1.74 -10.25 17.58
N LYS A 295 -2.23 -9.80 16.43
CA LYS A 295 -1.53 -9.99 15.17
C LYS A 295 -1.49 -8.72 14.32
N TYR A 296 -1.10 -7.62 14.95
CA TYR A 296 -0.98 -6.32 14.28
C TYR A 296 -2.23 -5.77 13.61
N GLY A 297 -3.37 -6.43 13.77
CA GLY A 297 -4.58 -5.93 13.13
C GLY A 297 -4.65 -6.25 11.62
N PHE A 298 -3.81 -7.18 11.18
CA PHE A 298 -3.74 -7.58 9.79
C PHE A 298 -5.07 -8.13 9.25
N THR A 299 -5.33 -7.90 7.96
CA THR A 299 -6.51 -8.46 7.33
C THR A 299 -5.97 -9.78 6.84
N LYS A 300 -6.82 -10.64 6.28
CA LYS A 300 -6.32 -11.91 5.77
C LYS A 300 -5.41 -11.65 4.57
N PHE A 301 -5.74 -10.64 3.79
CA PHE A 301 -4.95 -10.29 2.62
C PHE A 301 -3.54 -9.90 3.09
N THR A 302 -3.48 -9.12 4.16
CA THR A 302 -2.19 -8.70 4.71
C THR A 302 -1.34 -9.91 5.11
N ALA A 303 -1.97 -10.88 5.76
CA ALA A 303 -1.28 -12.08 6.24
C ALA A 303 -0.74 -12.93 5.11
N ASN A 304 -1.34 -12.81 3.93
CA ASN A 304 -0.92 -13.61 2.79
C ASN A 304 0.16 -12.96 1.96
N LEU A 305 0.47 -11.70 2.25
CA LEU A 305 1.49 -10.96 1.50
C LEU A 305 2.90 -11.54 1.56
N ASN A 306 3.30 -12.01 2.74
CA ASN A 306 4.66 -12.53 2.92
C ASN A 306 4.80 -14.06 2.80
N GLU A 307 3.75 -14.72 2.34
CA GLU A 307 3.81 -16.15 2.20
C GLU A 307 4.35 -16.55 0.84
N ILE A 308 5.16 -17.62 0.81
CA ILE A 308 5.71 -18.12 -0.42
C ILE A 308 4.87 -19.34 -0.76
N THR A 309 4.04 -19.22 -1.79
CA THR A 309 3.17 -20.32 -2.22
C THR A 309 3.71 -20.92 -3.51
N GLU A 310 2.94 -21.84 -4.08
CA GLU A 310 3.32 -22.51 -5.32
C GLU A 310 3.56 -21.49 -6.43
N ILE A 311 2.90 -20.34 -6.34
CA ILE A 311 3.06 -19.29 -7.33
C ILE A 311 4.46 -18.70 -7.32
N GLU A 312 4.96 -18.42 -6.13
CA GLU A 312 6.27 -17.81 -5.95
C GLU A 312 7.44 -18.79 -5.85
N LYS A 313 7.19 -19.95 -5.24
CA LYS A 313 8.21 -20.96 -5.03
C LYS A 313 9.17 -21.18 -6.20
N GLY A 314 10.43 -20.80 -5.99
CA GLY A 314 11.45 -20.96 -7.01
C GLY A 314 11.32 -20.06 -8.22
N ASN A 315 10.49 -19.03 -8.15
CA ASN A 315 10.31 -18.13 -9.28
C ASN A 315 10.71 -16.70 -8.97
N LEU A 316 11.04 -16.44 -7.71
CA LEU A 316 11.40 -15.09 -7.28
C LEU A 316 12.83 -14.66 -7.53
N PRO A 317 13.02 -13.37 -7.86
CA PRO A 317 14.39 -12.92 -8.08
C PRO A 317 14.98 -12.86 -6.66
N PRO A 318 16.28 -12.63 -6.53
CA PRO A 318 16.88 -12.58 -5.18
C PRO A 318 16.42 -11.40 -4.30
N THR A 319 15.71 -10.44 -4.90
CA THR A 319 15.28 -9.23 -4.19
C THR A 319 13.86 -9.13 -3.63
N ASP A 320 13.03 -10.14 -3.77
CA ASP A 320 11.66 -10.03 -3.27
C ASP A 320 11.61 -9.87 -1.75
N SER A 321 10.65 -9.08 -1.28
CA SER A 321 10.47 -8.83 0.16
C SER A 321 10.25 -10.10 0.94
N ARG A 322 9.69 -11.12 0.27
CA ARG A 322 9.44 -12.40 0.93
C ARG A 322 10.75 -13.08 1.34
N LEU A 323 11.86 -12.61 0.77
CA LEU A 323 13.15 -13.23 1.05
C LEU A 323 13.97 -12.48 2.09
N ARG A 324 13.44 -11.40 2.65
CA ARG A 324 14.16 -10.65 3.66
C ARG A 324 14.23 -11.43 4.96
N PRO A 325 15.45 -11.62 5.49
CA PRO A 325 15.69 -12.36 6.73
C PRO A 325 15.12 -11.73 8.00
N ASP A 326 15.24 -10.40 8.13
CA ASP A 326 14.73 -9.70 9.31
C ASP A 326 13.21 -9.75 9.40
N ILE A 327 12.55 -9.55 8.27
CA ILE A 327 11.09 -9.59 8.25
C ILE A 327 10.65 -11.01 8.57
N ARG A 328 11.31 -11.99 7.97
CA ARG A 328 10.96 -13.40 8.17
C ARG A 328 11.15 -13.82 9.63
N ALA A 329 12.33 -13.54 10.19
CA ALA A 329 12.62 -13.90 11.59
C ALA A 329 11.67 -13.20 12.54
N TYR A 330 11.35 -11.95 12.22
CA TYR A 330 10.44 -11.15 13.04
C TYR A 330 9.06 -11.78 12.98
N GLU A 331 8.62 -12.12 11.76
CA GLU A 331 7.32 -12.74 11.56
C GLU A 331 7.23 -14.02 12.37
N GLU A 332 8.31 -14.78 12.39
CA GLU A 332 8.36 -16.02 13.13
C GLU A 332 8.64 -15.84 14.61
N GLY A 333 8.73 -14.58 15.06
CA GLY A 333 8.95 -14.31 16.46
C GLY A 333 10.33 -14.04 17.03
N ASN A 334 11.38 -14.16 16.22
CA ASN A 334 12.74 -13.94 16.73
C ASN A 334 13.16 -12.48 16.74
N VAL A 335 12.76 -11.77 17.79
CA VAL A 335 13.09 -10.35 17.93
C VAL A 335 14.60 -10.08 17.82
N ASP A 336 15.38 -10.67 18.70
CA ASP A 336 16.82 -10.48 18.68
C ASP A 336 17.41 -10.78 17.29
N LYS A 337 17.13 -11.98 16.77
CA LYS A 337 17.61 -12.42 15.46
C LYS A 337 17.22 -11.44 14.36
N ALA A 338 15.98 -10.94 14.43
CA ALA A 338 15.50 -9.99 13.44
C ALA A 338 16.21 -8.66 13.59
N GLU A 339 16.42 -8.23 14.83
CA GLU A 339 17.11 -6.97 15.09
C GLU A 339 18.52 -7.05 14.52
N GLU A 340 19.16 -8.20 14.68
CA GLU A 340 20.51 -8.43 14.17
C GLU A 340 20.48 -8.19 12.67
N TRP A 341 19.54 -8.86 12.02
CA TRP A 341 19.38 -8.75 10.57
C TRP A 341 19.01 -7.38 10.05
N LYS A 342 18.11 -6.67 10.74
CA LYS A 342 17.73 -5.33 10.28
C LYS A 342 18.96 -4.43 10.26
N LEU A 343 19.79 -4.52 11.30
CA LEU A 343 21.01 -3.72 11.39
C LEU A 343 21.98 -4.08 10.28
N LYS A 344 22.05 -5.38 9.99
CA LYS A 344 22.95 -5.89 8.96
C LYS A 344 22.54 -5.41 7.58
N LEU A 345 21.26 -5.59 7.26
CA LEU A 345 20.77 -5.17 5.96
C LEU A 345 20.99 -3.67 5.70
N GLU A 346 20.70 -2.83 6.68
CA GLU A 346 20.87 -1.40 6.51
C GLU A 346 22.34 -1.01 6.44
N GLN A 347 23.17 -1.68 7.23
CA GLN A 347 24.61 -1.41 7.23
C GLN A 347 25.17 -1.75 5.85
N LEU A 348 24.78 -2.89 5.31
CA LEU A 348 25.25 -3.33 4.00
C LEU A 348 24.86 -2.36 2.89
N GLN A 349 23.62 -1.87 2.94
CA GLN A 349 23.14 -0.93 1.92
C GLN A 349 23.95 0.35 2.05
N ARG A 350 24.30 0.67 3.28
CA ARG A 350 25.08 1.86 3.57
C ARG A 350 26.46 1.73 2.91
N GLU A 351 27.15 0.63 3.16
CA GLU A 351 28.47 0.42 2.60
C GLU A 351 28.46 0.44 1.07
N ARG A 352 27.46 -0.20 0.46
CA ARG A 352 27.36 -0.22 -1.00
C ARG A 352 27.23 1.21 -1.48
N ARG A 353 26.38 1.96 -0.78
CA ARG A 353 26.10 3.35 -1.08
C ARG A 353 27.38 4.18 -1.06
N ASN A 354 28.06 4.15 0.08
CA ASN A 354 29.32 4.87 0.28
C ASN A 354 30.41 4.53 -0.72
N LYS A 355 30.45 3.27 -1.16
CA LYS A 355 31.45 2.83 -2.13
C LYS A 355 31.05 3.27 -3.53
N GLY A 356 29.83 3.79 -3.66
CA GLY A 356 29.35 4.21 -4.96
C GLY A 356 28.86 3.02 -5.77
N GLN A 357 28.70 1.89 -5.10
CA GLN A 357 28.23 0.66 -5.76
C GLN A 357 26.73 0.55 -5.51
N ASP A 358 26.08 1.69 -5.66
CA ASP A 358 24.66 1.84 -5.49
C ASP A 358 23.95 0.84 -6.43
N VAL A 359 23.06 0.00 -5.89
CA VAL A 359 22.34 -0.96 -6.73
C VAL A 359 21.21 -0.22 -7.44
N GLU A 360 21.21 -0.29 -8.77
CA GLU A 360 20.19 0.41 -9.55
C GLU A 360 18.94 -0.40 -9.83
N PRO A 361 17.76 0.23 -9.73
CA PRO A 361 16.49 -0.46 -9.98
C PRO A 361 16.52 -1.10 -11.36
N LYS A 362 15.87 -2.25 -11.50
CA LYS A 362 15.89 -2.98 -12.75
C LYS A 362 14.61 -3.02 -13.59
N TYR A 363 13.44 -2.96 -12.96
CA TYR A 363 12.19 -3.09 -13.70
C TYR A 363 11.36 -1.85 -13.98
N PHE A 364 11.86 -0.69 -13.56
CA PHE A 364 11.17 0.58 -13.78
C PHE A 364 12.24 1.59 -14.18
N GLU A 365 11.87 2.55 -15.01
CA GLU A 365 12.81 3.57 -15.46
C GLU A 365 12.12 4.92 -15.32
N LYS A 366 12.89 5.92 -14.91
CA LYS A 366 12.34 7.26 -14.74
C LYS A 366 11.92 7.85 -16.08
N VAL A 367 10.67 8.31 -16.15
CA VAL A 367 10.11 8.92 -17.35
C VAL A 367 10.08 10.45 -17.17
N SER A 368 10.21 10.88 -15.93
CA SER A 368 10.22 12.29 -15.60
C SER A 368 10.37 12.41 -14.09
N LYS A 369 10.25 13.63 -13.58
CA LYS A 369 10.35 13.86 -12.14
C LYS A 369 9.14 13.20 -11.50
N ASN A 370 9.35 12.53 -10.37
CA ASN A 370 8.26 11.88 -9.66
C ASN A 370 7.49 10.87 -10.50
N GLU A 371 8.06 10.46 -11.63
CA GLU A 371 7.36 9.51 -12.49
C GLU A 371 8.24 8.40 -13.05
N TRP A 372 7.99 7.17 -12.60
CA TRP A 372 8.72 6.00 -13.08
C TRP A 372 7.76 5.13 -13.88
N LYS A 373 8.29 4.31 -14.77
CA LYS A 373 7.44 3.49 -15.62
C LYS A 373 8.01 2.08 -15.79
N TYR A 374 7.11 1.09 -15.82
CA TYR A 374 7.47 -0.30 -15.97
C TYR A 374 8.23 -0.52 -17.27
N ILE A 375 9.39 -1.18 -17.17
CA ILE A 375 10.19 -1.45 -18.35
C ILE A 375 9.66 -2.69 -19.05
N THR A 376 9.34 -2.56 -20.34
CA THR A 376 8.82 -3.69 -21.11
C THR A 376 9.97 -4.25 -21.93
N GLY A 377 9.78 -5.45 -22.47
CA GLY A 377 10.82 -6.05 -23.28
C GLY A 377 11.29 -7.39 -22.77
N PRO A 378 12.27 -7.99 -23.45
CA PRO A 378 12.83 -9.30 -23.08
C PRO A 378 13.46 -9.26 -21.69
N LYS A 379 13.77 -8.06 -21.23
CA LYS A 379 14.38 -7.87 -19.91
C LYS A 379 13.42 -7.29 -18.88
N SER A 380 12.12 -7.37 -19.15
CA SER A 380 11.12 -6.87 -18.23
C SER A 380 10.96 -7.89 -17.12
N TYR A 381 10.32 -7.50 -16.02
CA TYR A 381 10.16 -8.43 -14.90
C TYR A 381 9.49 -9.75 -15.29
N TRP A 382 8.27 -9.66 -15.78
CA TRP A 382 7.49 -10.84 -16.14
C TRP A 382 8.13 -11.73 -17.20
N GLU A 383 8.90 -11.14 -18.11
CA GLU A 383 9.58 -11.93 -19.13
C GLU A 383 10.72 -12.72 -18.48
N ARG A 384 11.51 -12.04 -17.65
CA ARG A 384 12.63 -12.69 -16.96
C ARG A 384 12.08 -13.85 -16.13
N ARG A 385 10.96 -13.60 -15.45
CA ARG A 385 10.33 -14.60 -14.58
C ARG A 385 10.05 -15.94 -15.25
N LYS A 386 9.52 -15.91 -16.47
CA LYS A 386 9.22 -17.13 -17.22
C LYS A 386 10.42 -18.05 -17.36
N LYS A 387 11.62 -17.47 -17.44
CA LYS A 387 12.82 -18.29 -17.59
C LYS A 387 13.86 -18.13 -16.47
N HIS A 388 13.41 -17.63 -15.32
CA HIS A 388 14.30 -17.48 -14.17
C HIS A 388 15.57 -16.75 -14.57
N ASP A 389 15.42 -15.68 -15.35
CA ASP A 389 16.58 -14.95 -15.82
C ASP A 389 17.01 -13.81 -14.87
N TRP A 390 17.73 -14.19 -13.82
CA TRP A 390 18.21 -13.25 -12.81
C TRP A 390 19.72 -13.42 -12.63
N SER A 391 20.46 -13.57 -13.72
CA SER A 391 21.91 -13.76 -13.64
C SER A 391 22.63 -12.47 -13.29
N ASP A 392 22.07 -11.36 -13.75
CA ASP A 392 22.63 -10.03 -13.54
C ASP A 392 22.06 -9.36 -12.29
N ILE A 393 21.36 -10.14 -11.46
CA ILE A 393 20.76 -9.60 -10.24
C ILE A 393 21.50 -10.08 -9.00
N SER A 394 22.07 -9.13 -8.26
CA SER A 394 22.81 -9.44 -7.05
C SER A 394 21.95 -9.53 -5.79
N GLN A 395 22.42 -10.29 -4.82
CA GLN A 395 21.72 -10.45 -3.55
C GLN A 395 21.98 -9.15 -2.78
N LEU A 396 20.95 -8.62 -2.14
CA LEU A 396 21.08 -7.37 -1.39
C LEU A 396 21.49 -7.63 0.06
N TRP A 397 21.48 -8.90 0.43
CA TRP A 397 21.87 -9.30 1.77
C TRP A 397 22.37 -10.74 1.71
#